data_6A87
#
_entry.id   6A87
#
_cell.length_a   145.778
_cell.length_b   145.778
_cell.length_c   39.531
_cell.angle_alpha   90.00
_cell.angle_beta   90.00
_cell.angle_gamma   120.00
#
_symmetry.space_group_name_H-M   'H 3'
#
loop_
_entity.id
_entity.type
_entity.pdbx_description
1 polymer lectin
2 branched alpha-L-fucopyranose-(1-6)-2-acetamido-2-deoxy-beta-D-glucopyranose
3 non-polymer alpha-L-fucopyranose
4 non-polymer METHANETHIOL
5 water water
#
_entity_poly.entity_id   1
_entity_poly.type   'polypeptide(L)'
_entity_poly.pdbx_seq_one_letter_code
;APVPVTKLVCDGDTYKCTAYLDYGDGKWVAQWDTAVFHTT
;
_entity_poly.pdbx_strand_id   A,B,C,D,E,F
#
loop_
_chem_comp.id
_chem_comp.type
_chem_comp.name
_chem_comp.formula
FUC L-saccharide, alpha linking alpha-L-fucopyranose 'C6 H12 O5'
MEE non-polymer METHANETHIOL 'C H4 S'
NAG D-saccharide, beta linking 2-acetamido-2-deoxy-beta-D-glucopyranose 'C8 H15 N O6'
#
# COMPACT_ATOMS: atom_id res chain seq x y z
N ALA A 1 14.19 20.51 -1.88
CA ALA A 1 14.60 20.07 -0.48
C ALA A 1 13.52 19.21 0.16
N PRO A 2 13.86 18.45 1.24
CA PRO A 2 12.86 17.80 2.09
C PRO A 2 12.58 18.74 3.28
N VAL A 3 11.33 19.14 3.48
CA VAL A 3 11.00 20.11 4.50
C VAL A 3 10.27 19.43 5.66
N PRO A 4 10.87 19.49 6.87
CA PRO A 4 10.29 18.79 8.01
C PRO A 4 8.95 19.40 8.47
N VAL A 5 8.03 18.53 8.90
CA VAL A 5 6.77 18.91 9.54
C VAL A 5 6.92 18.89 11.06
N THR A 6 6.46 19.96 11.69
CA THR A 6 6.65 20.34 13.05
C THR A 6 5.46 19.82 13.87
N LYS A 7 4.25 20.01 13.34
CA LYS A 7 3.05 19.51 13.98
C LYS A 7 1.90 19.62 13.00
N LEU A 8 0.77 19.04 13.39
CA LEU A 8 -0.45 19.06 12.58
C LEU A 8 -1.65 19.51 13.37
N VAL A 9 -2.57 20.14 12.65
CA VAL A 9 -3.88 20.40 13.14
C VAL A 9 -4.87 20.07 12.05
N CYS A 10 -6.12 19.86 12.47
CA CYS A 10 -7.20 19.73 11.53
CA CYS A 10 -7.26 19.62 11.60
C CYS A 10 -8.42 20.54 12.03
N ASP A 11 -9.23 20.94 11.05
CA ASP A 11 -10.35 21.82 11.22
C ASP A 11 -11.58 21.17 10.62
N GLY A 12 -12.58 20.89 11.47
CA GLY A 12 -13.86 20.30 11.05
C GLY A 12 -14.80 21.29 10.38
N ASP A 13 -14.55 22.59 10.53
CA ASP A 13 -15.34 23.59 9.82
C ASP A 13 -14.88 23.61 8.37
N THR A 14 -13.56 23.68 8.16
CA THR A 14 -12.98 23.83 6.82
C THR A 14 -12.72 22.47 6.15
N TYR A 15 -12.69 21.39 6.91
CA TYR A 15 -12.32 20.07 6.36
C TYR A 15 -10.91 20.15 5.74
N LYS A 16 -10.00 20.87 6.42
CA LYS A 16 -8.58 20.95 6.05
C LYS A 16 -7.70 20.45 7.21
N CYS A 17 -6.65 19.70 6.87
CA CYS A 17 -5.55 19.48 7.82
CA CYS A 17 -5.52 19.39 7.73
C CYS A 17 -4.38 20.36 7.39
N THR A 18 -3.67 20.87 8.39
CA THR A 18 -2.64 21.82 8.15
C THR A 18 -1.39 21.35 8.88
N ALA A 19 -0.28 21.24 8.14
CA ALA A 19 1.01 20.91 8.66
C ALA A 19 1.90 22.14 8.75
N TYR A 20 2.44 22.39 9.94
CA TYR A 20 3.38 23.44 10.12
C TYR A 20 4.74 22.92 9.70
N LEU A 21 5.48 23.79 9.02
CA LEU A 21 6.74 23.42 8.45
C LEU A 21 7.91 24.10 9.15
N ASP A 22 9.02 23.37 9.23
CA ASP A 22 10.30 23.93 9.62
C ASP A 22 11.00 24.54 8.40
N TYR A 23 10.78 25.83 8.17
CA TYR A 23 11.21 26.48 6.94
C TYR A 23 11.06 27.99 7.04
N GLY A 24 12.06 28.71 6.52
CA GLY A 24 12.07 30.16 6.39
C GLY A 24 11.83 30.85 7.71
N ASP A 25 10.81 31.70 7.70
CA ASP A 25 10.45 32.49 8.84
C ASP A 25 9.56 31.73 9.83
N GLY A 26 9.27 30.45 9.62
CA GLY A 26 8.45 29.66 10.55
C GLY A 26 6.95 29.79 10.32
N LYS A 27 6.48 30.44 9.23
CA LYS A 27 5.04 30.66 8.99
C LYS A 27 4.54 29.99 7.72
N TRP A 28 5.31 29.04 7.18
CA TRP A 28 4.83 28.21 6.07
C TRP A 28 4.06 27.01 6.62
N VAL A 29 2.99 26.66 5.93
CA VAL A 29 2.27 25.44 6.19
C VAL A 29 2.00 24.69 4.87
N ALA A 30 1.63 23.41 5.04
CA ALA A 30 1.14 22.60 3.98
C ALA A 30 -0.28 22.15 4.35
N GLN A 31 -1.17 22.16 3.36
CA GLN A 31 -2.59 22.00 3.63
C GLN A 31 -3.23 21.01 2.65
N TRP A 32 -4.16 20.20 3.14
CA TRP A 32 -4.89 19.29 2.26
C TRP A 32 -6.27 19.00 2.82
N ASP A 33 -7.13 18.60 1.89
CA ASP A 33 -8.49 18.24 2.19
C ASP A 33 -8.48 16.98 3.02
N THR A 34 -9.38 16.95 4.00
CA THR A 34 -9.57 15.79 4.81
C THR A 34 -11.05 15.63 5.15
N ALA A 35 -11.44 14.40 5.46
CA ALA A 35 -12.66 14.12 6.13
C ALA A 35 -12.38 14.19 7.63
N VAL A 36 -13.44 14.58 8.37
CA VAL A 36 -13.44 14.75 9.79
C VAL A 36 -14.77 14.21 10.29
N PHE A 37 -14.71 13.46 11.38
CA PHE A 37 -15.91 12.87 11.92
C PHE A 37 -15.64 12.24 13.29
N HIS A 38 -16.74 12.15 14.05
CA HIS A 38 -16.83 11.46 15.31
C HIS A 38 -16.88 9.97 15.02
N THR A 39 -15.98 9.20 15.62
CA THR A 39 -16.02 7.79 15.39
C THR A 39 -16.91 7.10 16.43
N THR A 40 -17.06 5.80 16.22
CA THR A 40 -17.66 4.88 17.19
C THR A 40 -16.56 4.29 18.09
N ALA B 1 -4.34 -3.24 8.58
CA ALA B 1 -4.28 -2.80 10.01
C ALA B 1 -3.35 -1.59 10.13
N PRO B 2 -3.75 -0.56 10.90
CA PRO B 2 -3.08 0.73 10.82
C PRO B 2 -1.78 0.70 11.62
N VAL B 3 -0.77 1.41 11.12
CA VAL B 3 0.51 1.43 11.75
C VAL B 3 0.85 2.88 12.06
N PRO B 4 1.73 3.13 13.07
CA PRO B 4 2.12 4.49 13.40
C PRO B 4 2.85 5.20 12.25
N VAL B 5 2.62 6.52 12.16
CA VAL B 5 3.46 7.39 11.39
C VAL B 5 4.56 7.96 12.28
N THR B 6 5.80 7.75 11.84
CA THR B 6 7.03 8.12 12.52
C THR B 6 7.38 9.58 12.20
N LYS B 7 7.22 9.99 10.93
CA LYS B 7 7.36 11.39 10.62
C LYS B 7 6.73 11.79 9.28
N LEU B 8 6.58 13.11 9.16
CA LEU B 8 6.15 13.77 7.97
C LEU B 8 7.22 14.75 7.49
N VAL B 9 7.37 14.74 6.18
CA VAL B 9 8.26 15.53 5.48
C VAL B 9 7.47 16.04 4.29
N CYS B 10 7.97 17.09 3.66
CA CYS B 10 7.24 17.75 2.64
C CYS B 10 8.24 18.22 1.59
N ASP B 11 8.02 17.90 0.32
CA ASP B 11 8.99 18.27 -0.69
C ASP B 11 8.78 19.75 -1.06
N GLY B 12 9.88 20.50 -1.20
CA GLY B 12 9.91 21.96 -1.46
C GLY B 12 9.40 22.40 -2.83
N ASP B 13 9.49 21.49 -3.81
CA ASP B 13 9.22 21.80 -5.20
C ASP B 13 7.84 21.25 -5.60
N THR B 14 7.51 20.00 -5.25
CA THR B 14 6.20 19.39 -5.57
C THR B 14 5.12 19.65 -4.50
N TYR B 15 5.54 19.99 -3.27
CA TYR B 15 4.64 20.02 -2.12
C TYR B 15 3.99 18.64 -1.93
N LYS B 16 4.68 17.56 -2.32
CA LYS B 16 4.25 16.19 -1.98
C LYS B 16 4.61 15.95 -0.52
N CYS B 17 3.65 15.41 0.23
CA CYS B 17 3.84 15.14 1.60
C CYS B 17 4.12 13.66 1.80
N THR B 18 5.24 13.31 2.47
CA THR B 18 5.62 11.90 2.68
C THR B 18 5.63 11.52 4.17
N ALA B 19 4.85 10.49 4.49
CA ALA B 19 4.74 9.88 5.80
C ALA B 19 5.52 8.55 5.85
N TYR B 20 6.53 8.48 6.72
CA TYR B 20 7.35 7.27 6.96
C TYR B 20 6.66 6.39 7.99
N LEU B 21 6.39 5.13 7.60
CA LEU B 21 5.60 4.21 8.42
C LEU B 21 6.49 3.35 9.33
N ASP B 22 6.10 3.20 10.59
CA ASP B 22 6.76 2.23 11.50
C ASP B 22 6.14 0.84 11.23
N TYR B 23 6.81 0.05 10.37
CA TYR B 23 6.38 -1.29 10.00
C TYR B 23 7.50 -2.04 9.26
N GLY B 24 7.65 -3.34 9.60
CA GLY B 24 8.55 -4.23 8.88
C GLY B 24 9.93 -3.62 8.71
N ASP B 25 10.36 -3.47 7.44
CA ASP B 25 11.76 -3.08 7.12
C ASP B 25 11.95 -1.56 7.23
N GLY B 26 10.87 -0.82 7.52
CA GLY B 26 10.95 0.61 7.79
C GLY B 26 10.96 1.46 6.53
N LYS B 27 10.68 0.87 5.37
CA LYS B 27 10.83 1.56 4.09
C LYS B 27 9.48 1.78 3.43
N TRP B 28 8.41 1.49 4.16
CA TRP B 28 7.11 1.79 3.68
C TRP B 28 6.79 3.26 3.91
N VAL B 29 6.11 3.87 2.92
CA VAL B 29 5.65 5.26 3.05
C VAL B 29 4.23 5.42 2.54
N ALA B 30 3.64 6.55 2.93
CA ALA B 30 2.36 7.04 2.44
C ALA B 30 2.61 8.43 1.83
N GLN B 31 1.82 8.78 0.81
CA GLN B 31 2.09 9.98 0.11
C GLN B 31 0.80 10.63 -0.38
N TRP B 32 0.81 11.95 -0.36
CA TRP B 32 -0.25 12.72 -0.95
C TRP B 32 0.24 14.12 -1.30
N ASP B 33 -0.60 14.77 -2.11
CA ASP B 33 -0.38 16.12 -2.57
C ASP B 33 -0.99 17.10 -1.57
N THR B 34 -0.39 18.28 -1.54
CA THR B 34 -0.77 19.34 -0.66
C THR B 34 -0.54 20.68 -1.35
N ALA B 35 -1.12 21.70 -0.73
CA ALA B 35 -0.85 23.08 -1.03
C ALA B 35 -0.04 23.68 0.12
N VAL B 36 1.06 24.31 -0.26
CA VAL B 36 1.90 24.99 0.67
C VAL B 36 1.79 26.51 0.45
N PHE B 37 1.73 27.25 1.57
CA PHE B 37 1.67 28.68 1.51
C PHE B 37 2.09 29.33 2.85
N HIS B 38 2.30 30.64 2.74
CA HIS B 38 2.81 31.47 3.79
C HIS B 38 1.64 32.19 4.47
N THR B 39 1.63 32.18 5.80
CA THR B 39 0.56 32.79 6.58
C THR B 39 1.02 34.12 7.23
N THR B 40 0.05 34.76 7.89
CA THR B 40 0.25 35.84 8.84
C THR B 40 0.90 35.27 10.12
N ALA C 1 -12.61 24.80 13.80
CA ALA C 1 -11.33 25.48 14.12
C ALA C 1 -10.20 24.46 14.21
N PRO C 2 -8.93 24.90 14.04
CA PRO C 2 -7.82 23.97 14.06
C PRO C 2 -7.75 23.43 15.49
N VAL C 3 -7.71 22.11 15.61
CA VAL C 3 -7.42 21.42 16.85
C VAL C 3 -6.24 20.48 16.59
N PRO C 4 -5.40 20.25 17.62
CA PRO C 4 -4.18 19.47 17.46
C PRO C 4 -4.47 18.02 17.05
N VAL C 5 -3.60 17.49 16.22
CA VAL C 5 -3.53 16.08 15.98
C VAL C 5 -2.60 15.49 17.02
N THR C 6 -3.08 14.46 17.73
CA THR C 6 -2.36 13.87 18.86
C THR C 6 -1.61 12.61 18.42
N LYS C 7 -2.10 11.99 17.33
CA LYS C 7 -1.60 10.75 16.87
C LYS C 7 -1.99 10.56 15.41
N LEU C 8 -1.10 9.92 14.65
CA LEU C 8 -1.28 9.73 13.24
C LEU C 8 -0.94 8.27 12.86
N VAL C 9 -1.88 7.58 12.23
CA VAL C 9 -1.65 6.24 11.76
C VAL C 9 -2.03 6.17 10.29
N CYS C 10 -1.48 5.15 9.61
CA CYS C 10 -1.80 4.84 8.25
C CYS C 10 -2.15 3.35 8.12
N ASP C 11 -3.17 3.05 7.33
CA ASP C 11 -3.63 1.69 7.11
C ASP C 11 -3.33 1.27 5.66
N GLY C 12 -2.42 0.28 5.54
CA GLY C 12 -1.91 -0.24 4.28
C GLY C 12 -3.00 -0.72 3.34
N ASP C 13 -3.95 -1.52 3.84
CA ASP C 13 -4.94 -2.14 2.96
C ASP C 13 -6.05 -1.14 2.61
N THR C 14 -6.37 -0.19 3.50
CA THR C 14 -7.37 0.80 3.11
C THR C 14 -6.74 2.00 2.38
N TYR C 15 -5.42 2.23 2.44
CA TYR C 15 -4.83 3.43 1.81
C TYR C 15 -5.39 4.71 2.44
N LYS C 16 -5.46 4.73 3.77
CA LYS C 16 -6.00 5.86 4.48
C LYS C 16 -5.14 6.17 5.69
N CYS C 17 -4.84 7.46 5.85
CA CYS C 17 -4.33 8.01 7.07
C CYS C 17 -5.48 8.43 7.97
N THR C 18 -5.31 8.16 9.27
CA THR C 18 -6.21 8.61 10.29
C THR C 18 -5.43 9.45 11.32
N ALA C 19 -5.88 10.69 11.52
CA ALA C 19 -5.38 11.58 12.52
C ALA C 19 -6.37 11.60 13.66
N TYR C 20 -5.88 11.31 14.86
CA TYR C 20 -6.65 11.48 16.06
C TYR C 20 -6.55 12.94 16.54
N LEU C 21 -7.68 13.45 17.02
CA LEU C 21 -7.79 14.87 17.31
C LEU C 21 -7.99 15.14 18.80
N ASP C 22 -7.34 16.19 19.26
CA ASP C 22 -7.52 16.69 20.59
C ASP C 22 -8.77 17.59 20.62
N TYR C 23 -9.93 16.98 20.80
CA TYR C 23 -11.20 17.68 20.92
C TYR C 23 -12.27 16.77 21.53
N GLY C 24 -13.13 17.35 22.37
CA GLY C 24 -14.39 16.73 22.76
C GLY C 24 -14.16 15.45 23.55
N ASP C 25 -14.91 14.40 23.21
CA ASP C 25 -14.88 13.13 23.93
C ASP C 25 -13.68 12.28 23.48
N GLY C 26 -12.90 12.81 22.53
CA GLY C 26 -11.63 12.24 22.16
C GLY C 26 -11.79 11.20 21.08
N LYS C 27 -13.00 11.10 20.51
CA LYS C 27 -13.31 10.13 19.43
C LYS C 27 -13.38 10.82 18.06
N TRP C 28 -12.87 12.03 17.97
CA TRP C 28 -12.85 12.70 16.70
C TRP C 28 -11.55 12.35 15.96
N VAL C 29 -11.67 12.08 14.66
CA VAL C 29 -10.54 11.79 13.83
C VAL C 29 -10.69 12.53 12.49
N ALA C 30 -9.61 12.50 11.71
CA ALA C 30 -9.58 13.02 10.40
C ALA C 30 -8.94 11.95 9.52
N GLN C 31 -9.40 11.82 8.28
CA GLN C 31 -8.92 10.79 7.39
C GLN C 31 -8.78 11.35 6.00
N TRP C 32 -7.77 10.87 5.28
CA TRP C 32 -7.63 11.19 3.88
C TRP C 32 -6.99 9.99 3.15
N ASP C 33 -7.20 9.92 1.84
CA ASP C 33 -6.65 8.90 0.96
C ASP C 33 -5.14 9.14 0.80
N THR C 34 -4.37 8.07 0.68
CA THR C 34 -2.95 8.23 0.38
C THR C 34 -2.53 7.11 -0.55
N ALA C 35 -1.53 7.38 -1.37
CA ALA C 35 -0.77 6.31 -1.98
C ALA C 35 0.12 5.70 -0.88
N VAL C 36 0.24 4.37 -0.91
CA VAL C 36 1.10 3.62 0.01
C VAL C 36 2.05 2.75 -0.81
N PHE C 37 3.33 2.72 -0.43
CA PHE C 37 4.27 1.87 -1.13
C PHE C 37 5.59 1.69 -0.38
N HIS C 38 6.35 0.70 -0.84
CA HIS C 38 7.63 0.36 -0.36
C HIS C 38 8.68 1.14 -1.14
N THR C 39 9.60 1.81 -0.45
CA THR C 39 10.61 2.57 -1.19
C THR C 39 11.79 1.66 -1.56
N THR C 40 12.58 2.18 -2.50
CA THR C 40 13.83 1.62 -2.97
C THR C 40 14.95 1.92 -1.97
N ALA D 1 3.16 -22.94 6.91
CA ALA D 1 1.67 -22.81 6.89
C ALA D 1 1.23 -21.55 6.13
N PRO D 2 0.04 -21.58 5.48
CA PRO D 2 -0.41 -20.51 4.60
C PRO D 2 -0.62 -19.18 5.32
N VAL D 3 -0.01 -18.13 4.76
CA VAL D 3 -0.18 -16.81 5.28
C VAL D 3 -0.60 -15.91 4.15
N PRO D 4 -1.33 -14.83 4.48
CA PRO D 4 -1.89 -13.95 3.46
C PRO D 4 -0.84 -13.03 2.85
N VAL D 5 -1.09 -12.66 1.59
CA VAL D 5 -0.33 -11.64 0.87
C VAL D 5 -1.05 -10.29 1.05
N THR D 6 -0.35 -9.27 1.52
CA THR D 6 -0.91 -7.95 1.71
C THR D 6 -0.81 -7.16 0.40
N LYS D 7 0.36 -7.26 -0.25
CA LYS D 7 0.62 -6.51 -1.45
C LYS D 7 1.43 -7.36 -2.42
N LEU D 8 1.11 -7.17 -3.71
CA LEU D 8 1.78 -7.79 -4.86
C LEU D 8 2.33 -6.68 -5.77
N VAL D 9 3.56 -6.86 -6.25
CA VAL D 9 4.16 -5.98 -7.20
C VAL D 9 4.93 -6.85 -8.19
N CYS D 10 5.14 -6.33 -9.40
CA CYS D 10 5.96 -6.96 -10.42
C CYS D 10 6.94 -5.94 -11.00
N ASP D 11 8.08 -6.46 -11.47
CA ASP D 11 9.22 -5.68 -11.83
C ASP D 11 9.72 -6.20 -13.19
N GLY D 12 9.61 -5.35 -14.21
CA GLY D 12 9.93 -5.71 -15.59
C GLY D 12 11.41 -5.59 -15.90
N ASP D 13 12.19 -5.17 -14.90
CA ASP D 13 13.65 -5.16 -14.99
C ASP D 13 14.22 -6.41 -14.29
N THR D 14 13.68 -6.80 -13.14
CA THR D 14 14.20 -8.04 -12.48
C THR D 14 13.46 -9.29 -12.97
N TYR D 15 12.29 -9.09 -13.57
CA TYR D 15 11.41 -10.18 -13.98
C TYR D 15 11.02 -10.96 -12.74
N LYS D 16 10.69 -10.21 -11.68
CA LYS D 16 10.29 -10.82 -10.46
C LYS D 16 8.93 -10.24 -9.99
N CYS D 17 8.09 -11.16 -9.52
CA CYS D 17 6.91 -10.81 -8.78
C CYS D 17 7.19 -10.99 -7.28
N THR D 18 7.01 -9.91 -6.52
CA THR D 18 7.20 -9.91 -5.09
C THR D 18 5.82 -9.83 -4.41
N ALA D 19 5.61 -10.70 -3.42
CA ALA D 19 4.42 -10.74 -2.60
C ALA D 19 4.79 -10.49 -1.12
N TYR D 20 4.36 -9.35 -0.58
CA TYR D 20 4.56 -9.03 0.82
C TYR D 20 3.58 -9.83 1.67
N LEU D 21 4.08 -10.40 2.76
CA LEU D 21 3.30 -11.34 3.53
C LEU D 21 2.90 -10.68 4.84
N ASP D 22 1.72 -11.05 5.32
CA ASP D 22 1.27 -10.68 6.63
C ASP D 22 1.67 -11.78 7.63
N TYR D 23 2.84 -11.61 8.26
CA TYR D 23 3.40 -12.66 9.08
C TYR D 23 4.56 -12.11 9.93
N GLY D 24 4.64 -12.64 11.16
CA GLY D 24 5.71 -12.35 12.04
C GLY D 24 5.95 -10.85 12.10
N ASP D 25 7.18 -10.51 11.78
CA ASP D 25 7.71 -9.20 12.04
C ASP D 25 7.53 -8.25 10.84
N GLY D 26 6.72 -8.66 9.85
CA GLY D 26 6.40 -7.76 8.74
C GLY D 26 7.47 -7.68 7.68
N LYS D 27 8.53 -8.49 7.80
CA LYS D 27 9.62 -8.47 6.85
C LYS D 27 9.72 -9.76 6.03
N TRP D 28 8.60 -10.50 5.93
CA TRP D 28 8.53 -11.73 5.18
C TRP D 28 7.98 -11.45 3.77
N VAL D 29 8.61 -12.09 2.80
CA VAL D 29 8.40 -11.79 1.41
C VAL D 29 8.48 -13.10 0.63
N ALA D 30 7.63 -13.20 -0.39
CA ALA D 30 7.67 -14.30 -1.32
C ALA D 30 8.03 -13.70 -2.68
N GLN D 31 8.66 -14.51 -3.53
CA GLN D 31 9.11 -13.94 -4.77
C GLN D 31 9.27 -15.06 -5.80
N TRP D 32 8.83 -14.79 -7.03
CA TRP D 32 8.95 -15.81 -8.07
C TRP D 32 9.21 -15.12 -9.40
N ASP D 33 9.68 -15.93 -10.35
CA ASP D 33 9.99 -15.51 -11.66
C ASP D 33 8.69 -15.30 -12.40
N THR D 34 8.73 -14.37 -13.36
CA THR D 34 7.61 -14.08 -14.18
C THR D 34 8.10 -13.47 -15.47
N ALA D 35 7.34 -13.69 -16.54
CA ALA D 35 7.55 -12.93 -17.77
C ALA D 35 6.92 -11.57 -17.55
N VAL D 36 7.53 -10.54 -18.15
CA VAL D 36 6.89 -9.26 -18.23
C VAL D 36 6.97 -8.76 -19.68
N PHE D 37 5.83 -8.32 -20.21
CA PHE D 37 5.75 -7.86 -21.58
C PHE D 37 4.68 -6.81 -21.79
N HIS D 38 4.80 -6.17 -22.94
CA HIS D 38 3.96 -5.06 -23.40
C HIS D 38 3.08 -5.56 -24.55
N THR D 39 1.74 -5.41 -24.46
CA THR D 39 0.82 -6.12 -25.43
C THR D 39 0.39 -5.22 -26.58
N ALA E 1 -10.39 -20.85 -19.58
CA ALA E 1 -10.72 -19.40 -19.71
C ALA E 1 -10.40 -18.65 -18.42
N PRO E 2 -10.08 -17.33 -18.49
CA PRO E 2 -9.65 -16.51 -17.35
C PRO E 2 -10.65 -16.34 -16.21
N VAL E 3 -10.20 -16.53 -14.96
CA VAL E 3 -11.07 -16.35 -13.77
C VAL E 3 -10.35 -15.54 -12.69
N PRO E 4 -11.11 -14.76 -11.88
CA PRO E 4 -10.57 -13.94 -10.80
C PRO E 4 -9.81 -14.70 -9.70
N VAL E 5 -8.83 -14.02 -9.10
CA VAL E 5 -8.22 -14.50 -7.89
C VAL E 5 -8.90 -13.82 -6.69
N THR E 6 -9.52 -14.66 -5.86
CA THR E 6 -10.24 -14.26 -4.67
C THR E 6 -9.26 -13.78 -3.60
N LYS E 7 -8.28 -14.63 -3.32
CA LYS E 7 -7.37 -14.48 -2.23
C LYS E 7 -6.06 -15.14 -2.64
N LEU E 8 -4.95 -14.64 -2.07
CA LEU E 8 -3.64 -15.16 -2.34
C LEU E 8 -2.95 -15.47 -1.02
N VAL E 9 -2.29 -16.64 -0.92
CA VAL E 9 -1.50 -16.98 0.27
C VAL E 9 -0.19 -17.63 -0.18
N CYS E 10 0.83 -17.53 0.67
CA CYS E 10 2.07 -18.25 0.43
CA CYS E 10 2.13 -18.14 0.50
C CYS E 10 2.47 -18.95 1.75
N ASP E 11 3.32 -19.97 1.61
CA ASP E 11 3.59 -20.88 2.69
C ASP E 11 5.07 -21.24 2.63
N GLY E 12 5.80 -20.92 3.70
CA GLY E 12 7.24 -21.08 3.71
C GLY E 12 7.67 -22.50 4.04
N ASP E 13 6.72 -23.36 4.40
CA ASP E 13 7.02 -24.76 4.64
C ASP E 13 6.99 -25.48 3.30
N THR E 14 6.04 -25.08 2.45
CA THR E 14 5.85 -25.77 1.23
C THR E 14 6.54 -25.05 0.05
N TYR E 15 6.93 -23.77 0.21
CA TYR E 15 7.45 -22.90 -0.87
C TYR E 15 6.48 -22.82 -2.07
N LYS E 16 5.21 -22.62 -1.74
CA LYS E 16 4.09 -22.50 -2.68
C LYS E 16 3.22 -21.31 -2.34
N CYS E 17 2.86 -20.59 -3.40
CA CYS E 17 1.83 -19.59 -3.41
CA CYS E 17 1.81 -19.59 -3.37
C CYS E 17 0.56 -20.22 -3.97
N THR E 18 -0.57 -19.93 -3.34
CA THR E 18 -1.81 -20.55 -3.70
C THR E 18 -2.83 -19.43 -3.96
N ALA E 19 -3.44 -19.46 -5.14
CA ALA E 19 -4.48 -18.51 -5.50
C ALA E 19 -5.86 -19.19 -5.46
N TYR E 20 -6.77 -18.64 -4.66
CA TYR E 20 -8.15 -19.11 -4.59
C TYR E 20 -8.95 -18.44 -5.72
N LEU E 21 -9.60 -19.28 -6.54
CA LEU E 21 -10.27 -18.86 -7.77
C LEU E 21 -11.78 -18.71 -7.57
N ASP E 22 -12.36 -17.75 -8.30
CA ASP E 22 -13.80 -17.62 -8.43
C ASP E 22 -14.30 -18.41 -9.66
N TYR E 23 -14.54 -19.72 -9.49
CA TYR E 23 -15.08 -20.61 -10.54
C TYR E 23 -15.64 -21.90 -9.93
N GLY E 24 -16.72 -22.39 -10.57
CA GLY E 24 -17.42 -23.62 -10.19
C GLY E 24 -17.90 -23.60 -8.76
N ASP E 25 -17.56 -24.67 -8.03
CA ASP E 25 -17.85 -24.83 -6.60
C ASP E 25 -16.96 -23.95 -5.69
N GLY E 26 -16.00 -23.20 -6.25
CA GLY E 26 -15.12 -22.32 -5.44
C GLY E 26 -14.08 -23.09 -4.62
N LYS E 27 -13.80 -24.34 -5.01
CA LYS E 27 -12.78 -25.16 -4.40
C LYS E 27 -11.58 -25.22 -5.35
N TRP E 28 -11.50 -24.27 -6.29
CA TRP E 28 -10.45 -24.33 -7.29
C TRP E 28 -9.29 -23.44 -6.86
N VAL E 29 -8.09 -23.95 -7.07
CA VAL E 29 -6.94 -23.16 -6.80
C VAL E 29 -5.95 -23.25 -7.96
N ALA E 30 -4.98 -22.36 -7.90
CA ALA E 30 -3.83 -22.32 -8.77
C ALA E 30 -2.61 -22.24 -7.86
N GLN E 31 -1.54 -22.98 -8.14
CA GLN E 31 -0.36 -22.74 -7.36
C GLN E 31 0.94 -22.96 -8.14
N TRP E 32 1.99 -22.36 -7.58
CA TRP E 32 3.26 -22.25 -8.19
C TRP E 32 4.31 -22.15 -7.09
N ASP E 33 5.55 -22.47 -7.46
CA ASP E 33 6.68 -22.40 -6.60
C ASP E 33 7.04 -20.93 -6.31
N THR E 34 7.66 -20.70 -5.16
CA THR E 34 8.09 -19.40 -4.83
C THR E 34 9.20 -19.53 -3.82
N ALA E 35 10.15 -18.58 -3.87
CA ALA E 35 11.01 -18.28 -2.79
C ALA E 35 10.21 -17.62 -1.67
N VAL E 36 10.65 -17.87 -0.43
CA VAL E 36 10.13 -17.26 0.77
C VAL E 36 11.34 -16.90 1.63
N PHE E 37 11.53 -15.61 1.89
CA PHE E 37 12.67 -15.16 2.68
C PHE E 37 12.26 -14.02 3.61
N HIS E 38 13.17 -13.74 4.55
CA HIS E 38 13.06 -12.72 5.56
C HIS E 38 14.09 -11.62 5.27
N THR E 39 13.60 -10.40 5.00
CA THR E 39 14.51 -9.28 4.78
C THR E 39 15.06 -8.82 6.12
N THR E 40 16.29 -8.32 6.08
CA THR E 40 17.00 -8.07 7.29
C THR E 40 16.73 -6.65 7.77
N ALA F 1 11.81 -1.62 -11.70
CA ALA F 1 11.22 -1.27 -10.40
C ALA F 1 9.90 -2.01 -10.24
N PRO F 2 9.51 -2.38 -9.00
CA PRO F 2 8.22 -3.01 -8.76
C PRO F 2 7.12 -1.97 -8.98
N VAL F 3 6.04 -2.41 -9.62
CA VAL F 3 4.89 -1.61 -9.78
C VAL F 3 3.70 -2.43 -9.34
N PRO F 4 2.61 -1.75 -8.93
CA PRO F 4 1.40 -2.40 -8.45
C PRO F 4 0.73 -3.28 -9.49
N VAL F 5 0.05 -4.31 -9.00
CA VAL F 5 -0.84 -5.16 -9.79
C VAL F 5 -2.28 -4.64 -9.67
N THR F 6 -2.88 -4.46 -10.84
CA THR F 6 -4.20 -3.92 -11.00
C THR F 6 -5.21 -5.04 -10.80
N LYS F 7 -5.00 -6.13 -11.53
CA LYS F 7 -5.90 -7.23 -11.50
C LYS F 7 -5.11 -8.53 -11.73
N LEU F 8 -5.61 -9.61 -11.13
CA LEU F 8 -5.00 -10.92 -11.18
C LEU F 8 -6.06 -11.96 -11.56
N VAL F 9 -5.74 -12.79 -12.56
CA VAL F 9 -6.63 -13.83 -13.04
C VAL F 9 -5.77 -15.06 -13.38
N CYS F 10 -6.37 -16.26 -13.35
CA CYS F 10 -5.69 -17.49 -13.81
CA CYS F 10 -5.69 -17.49 -13.81
C CYS F 10 -6.60 -18.24 -14.81
N ASP F 11 -6.07 -19.31 -15.42
CA ASP F 11 -6.77 -20.01 -16.49
C ASP F 11 -6.26 -21.43 -16.63
N GLY F 12 -7.17 -22.40 -16.45
CA GLY F 12 -6.87 -23.82 -16.44
C GLY F 12 -6.74 -24.43 -17.82
N ASP F 13 -7.13 -23.69 -18.86
CA ASP F 13 -6.84 -24.15 -20.23
C ASP F 13 -5.40 -23.75 -20.62
N THR F 14 -4.93 -22.60 -20.10
CA THR F 14 -3.62 -22.03 -20.51
C THR F 14 -2.52 -22.33 -19.48
N TYR F 15 -2.90 -22.60 -18.23
CA TYR F 15 -1.97 -22.89 -17.13
C TYR F 15 -1.12 -21.65 -16.89
N LYS F 16 -1.78 -20.49 -16.91
CA LYS F 16 -1.13 -19.22 -16.72
C LYS F 16 -1.97 -18.35 -15.81
N CYS F 17 -1.27 -17.69 -14.88
CA CYS F 17 -1.84 -16.56 -14.16
CA CYS F 17 -1.84 -16.56 -14.16
CA CYS F 17 -1.80 -16.58 -14.14
C CYS F 17 -1.23 -15.28 -14.73
N THR F 18 -2.09 -14.27 -14.87
CA THR F 18 -1.80 -13.02 -15.55
C THR F 18 -2.04 -11.86 -14.58
N ALA F 19 -1.07 -10.94 -14.54
CA ALA F 19 -1.13 -9.79 -13.67
C ALA F 19 -1.02 -8.52 -14.52
N TYR F 20 -2.12 -7.74 -14.52
CA TYR F 20 -2.16 -6.50 -15.24
C TYR F 20 -1.53 -5.46 -14.33
N LEU F 21 -0.75 -4.58 -14.95
CA LEU F 21 0.13 -3.73 -14.22
C LEU F 21 -0.28 -2.26 -14.39
N ASP F 22 -0.07 -1.54 -13.29
CA ASP F 22 -0.19 -0.13 -13.29
C ASP F 22 1.17 0.46 -13.64
N TYR F 23 1.35 0.77 -14.93
CA TYR F 23 2.57 1.36 -15.39
C TYR F 23 2.37 1.83 -16.84
N GLY F 24 2.99 2.97 -17.18
CA GLY F 24 3.06 3.47 -18.54
C GLY F 24 1.68 3.62 -19.14
N ASP F 25 1.48 2.99 -20.30
CA ASP F 25 0.27 3.08 -21.10
C ASP F 25 -0.75 2.00 -20.71
N GLY F 26 -0.49 1.22 -19.66
CA GLY F 26 -1.45 0.22 -19.15
C GLY F 26 -1.45 -1.08 -19.95
N LYS F 27 -0.47 -1.27 -20.84
CA LYS F 27 -0.50 -2.45 -21.68
C LYS F 27 0.59 -3.45 -21.26
N TRP F 28 1.17 -3.25 -20.07
CA TRP F 28 2.19 -4.12 -19.52
C TRP F 28 1.54 -5.20 -18.66
N VAL F 29 1.87 -6.46 -18.93
CA VAL F 29 1.35 -7.56 -18.13
C VAL F 29 2.51 -8.46 -17.68
N ALA F 30 2.39 -8.98 -16.45
CA ALA F 30 3.24 -10.08 -15.96
C ALA F 30 2.48 -11.42 -16.05
N GLN F 31 3.20 -12.49 -16.39
CA GLN F 31 2.58 -13.78 -16.59
C GLN F 31 3.53 -14.92 -16.24
N TRP F 32 2.98 -15.91 -15.56
CA TRP F 32 3.76 -17.04 -15.17
C TRP F 32 2.91 -18.31 -15.19
N ASP F 33 3.65 -19.42 -15.23
CA ASP F 33 3.10 -20.76 -15.22
C ASP F 33 2.53 -21.10 -13.85
N THR F 34 1.44 -21.89 -13.88
CA THR F 34 0.73 -22.32 -12.70
C THR F 34 0.07 -23.69 -12.95
N ALA F 35 0.00 -24.48 -11.86
CA ALA F 35 -0.87 -25.62 -11.77
C ALA F 35 -2.26 -25.08 -11.42
N VAL F 36 -3.31 -25.73 -11.93
CA VAL F 36 -4.70 -25.46 -11.49
C VAL F 36 -5.33 -26.81 -11.13
N PHE F 37 -6.10 -26.83 -10.04
CA PHE F 37 -6.74 -28.05 -9.62
C PHE F 37 -7.86 -27.79 -8.60
N HIS F 38 -8.67 -28.82 -8.44
CA HIS F 38 -9.76 -28.88 -7.47
C HIS F 38 -9.24 -29.51 -6.18
N THR F 39 -9.77 -29.09 -5.02
CA THR F 39 -9.28 -29.60 -3.72
C THR F 39 -10.37 -30.45 -3.04
C1 NAG G . 12.25 1.02 -20.39
C2 NAG G . 13.58 0.28 -20.09
C3 NAG G . 13.34 -1.23 -20.34
C4 NAG G . 12.16 -1.72 -19.49
C5 NAG G . 10.93 -0.82 -19.76
C6 NAG G . 9.69 -1.13 -18.92
C7 NAG G . 15.82 1.35 -20.36
C8 NAG G . 16.88 1.74 -21.38
N2 NAG G . 14.72 0.74 -20.87
O3 NAG G . 14.45 -2.12 -20.15
O4 NAG G . 11.94 -3.12 -19.85
O5 NAG G . 11.19 0.57 -19.56
O6 NAG G . 9.90 -0.72 -17.57
O7 NAG G . 15.96 1.59 -19.14
C1 FUC G . 10.09 -1.88 -16.73
C2 FUC G . 10.60 -1.35 -15.39
C3 FUC G . 9.50 -0.60 -14.65
C4 FUC G . 8.28 -1.50 -14.51
C5 FUC G . 7.85 -1.92 -15.91
C6 FUC G . 6.59 -2.76 -15.82
O2 FUC G . 11.68 -0.46 -15.65
O3 FUC G . 9.92 -0.21 -13.34
O4 FUC G . 8.60 -2.64 -13.69
O5 FUC G . 8.89 -2.67 -16.56
C1 NAG H . 11.84 -21.76 9.70
C2 NAG H . 11.94 -22.97 8.71
C3 NAG H . 11.86 -22.46 7.28
C4 NAG H . 10.64 -21.58 7.16
C5 NAG H . 10.76 -20.42 8.14
C6 NAG H . 9.63 -19.43 8.03
C7 NAG H . 13.18 -24.98 9.36
C8 NAG H . 14.51 -25.49 9.87
N2 NAG H . 13.17 -23.71 8.91
O3 NAG H . 11.76 -23.50 6.31
O4 NAG H . 10.44 -21.10 5.81
O5 NAG H . 10.72 -20.94 9.45
O6 NAG H . 8.33 -19.94 8.39
O7 NAG H . 12.17 -25.68 9.44
C1 FUC H . 7.57 -20.32 7.21
C2 FUC H . 6.36 -21.13 7.62
C3 FUC H . 5.30 -20.26 8.27
C4 FUC H . 4.96 -19.10 7.34
C5 FUC H . 6.25 -18.36 6.96
C6 FUC H . 6.03 -17.27 5.94
O2 FUC H . 6.78 -22.09 8.58
O3 FUC H . 4.14 -21.07 8.53
O4 FUC H . 4.30 -19.61 6.17
O5 FUC H . 7.18 -19.24 6.39
C1 NAG I . -13.18 -29.18 -15.81
C2 NAG I . -12.77 -29.44 -17.29
C3 NAG I . -11.28 -29.78 -17.36
C4 NAG I . -10.54 -28.50 -16.93
C5 NAG I . -11.01 -28.08 -15.53
C6 NAG I . -10.56 -26.66 -15.22
C7 NAG I . -14.80 -29.99 -18.51
C8 NAG I . -15.60 -31.01 -19.29
N2 NAG I . -13.62 -30.39 -18.00
O3 NAG I . -10.92 -30.20 -18.69
O4 NAG I . -9.11 -28.64 -16.94
O5 NAG I . -12.44 -28.05 -15.34
O6 NAG I . -11.22 -25.75 -16.11
O7 NAG I . -15.23 -28.85 -18.37
C1 FUC I . -10.24 -24.76 -16.47
C2 FUC I . -10.76 -23.84 -17.57
C3 FUC I . -11.75 -22.83 -16.97
C4 FUC I . -11.09 -22.06 -15.83
C5 FUC I . -10.77 -23.13 -14.79
C6 FUC I . -10.26 -22.55 -13.49
O2 FUC I . -11.32 -24.61 -18.65
O3 FUC I . -12.18 -21.93 -17.99
O4 FUC I . -9.89 -21.32 -16.21
O5 FUC I . -9.79 -24.02 -15.32
C1 FUC J . -15.79 20.07 14.06
C2 FUC J . -15.41 21.55 14.34
C3 FUC J . -14.56 21.82 15.62
C4 FUC J . -13.39 20.83 15.71
C5 FUC J . -13.95 19.41 15.49
C6 FUC J . -12.84 18.37 15.59
O1 FUC J . -16.83 19.58 14.94
O2 FUC J . -16.66 22.27 14.34
O3 FUC J . -14.00 23.17 15.62
O4 FUC J . -12.47 21.20 14.65
O5 FUC J . -14.55 19.31 14.17
C MEE K . 13.02 -20.53 11.69
S MEE K . 11.92 -21.98 11.53
C MEE L . -15.22 -28.84 -13.71
S MEE L . -14.99 -29.12 -15.48
C MEE M . 10.43 3.14 -20.73
S MEE M . 12.20 2.84 -20.50
#